data_5XDS
#
_entry.id   5XDS
#
_cell.length_a   112.530
_cell.length_b   112.530
_cell.length_c   112.530
_cell.angle_alpha   90.00
_cell.angle_beta   90.00
_cell.angle_gamma   90.00
#
_symmetry.space_group_name_H-M   'P 4 3 2'
#
loop_
_entity.id
_entity.type
_entity.pdbx_description
1 polymer 'Imidazoleglycerol-phosphate dehydratase'
2 non-polymer 'MANGANESE (II) ION'
3 non-polymer 'CHLORIDE ION'
4 non-polymer '(2S)-2-azanyl-3-(4H-1,2,4-triazol-3-yl)propanoic acid'
5 water water
#
_entity_poly.entity_id   1
_entity_poly.type   'polypeptide(L)'
_entity_poly.pdbx_seq_one_letter_code
;MHHHHHHTTTQTAKASRRARIERRTRESDIVIELDLDGTGQVAVDTGVPFYDHMLTALGSHASFDLTVRATGDVEIEAHH
TIEDTAIALGTALGQALGDKRGIRRFGDAFIPMDETLAHAAVDLSGRPYCVHTGEPDHLQHTTIAGSSVPYHTVINRHVF
ESLAANARIALHVRVLYGRDPHHITEAQYKAVARALRQAVEPDPRVSGVPSTKGAL
;
_entity_poly.pdbx_strand_id   A
#
# COMPACT_ATOMS: atom_id res chain seq x y z
N SER A 16 -11.58 -15.84 10.36
CA SER A 16 -10.92 -15.95 9.00
C SER A 16 -11.10 -14.68 8.11
N ARG A 17 -10.01 -13.94 7.89
CA ARG A 17 -10.12 -12.65 7.23
C ARG A 17 -9.23 -12.65 6.02
N ARG A 18 -9.78 -13.25 4.94
CA ARG A 18 -9.01 -13.54 3.71
C ARG A 18 -9.81 -13.06 2.54
N ALA A 19 -9.17 -12.75 1.40
CA ALA A 19 -9.92 -12.34 0.20
C ALA A 19 -8.99 -12.72 -0.95
N ARG A 20 -9.60 -13.16 -2.05
CA ARG A 20 -8.84 -13.36 -3.26
C ARG A 20 -9.56 -12.48 -4.26
N ILE A 21 -8.82 -11.59 -4.96
CA ILE A 21 -9.43 -10.68 -5.91
C ILE A 21 -8.69 -10.92 -7.21
N GLU A 22 -9.44 -11.06 -8.31
CA GLU A 22 -8.86 -11.09 -9.67
C GLU A 22 -9.42 -9.86 -10.38
N ARG A 23 -8.58 -9.09 -11.04
CA ARG A 23 -9.03 -7.91 -11.72
CA ARG A 23 -9.06 -7.91 -11.74
C ARG A 23 -8.38 -7.92 -13.12
N ARG A 24 -9.17 -8.13 -14.17
CA ARG A 24 -8.59 -8.08 -15.56
C ARG A 24 -9.12 -6.82 -16.29
N THR A 25 -8.26 -5.98 -16.88
CA THR A 25 -8.70 -4.82 -17.65
C THR A 25 -7.95 -4.95 -18.98
N ARG A 26 -8.16 -4.02 -19.92
CA ARG A 26 -7.42 -4.06 -21.18
C ARG A 26 -5.92 -3.88 -20.82
N GLU A 27 -5.67 -3.14 -19.73
CA GLU A 27 -4.28 -2.70 -19.45
C GLU A 27 -3.49 -3.72 -18.58
N SER A 28 -4.16 -4.49 -17.73
CA SER A 28 -3.44 -5.30 -16.74
C SER A 28 -4.32 -6.50 -16.31
N ASP A 29 -3.63 -7.48 -15.76
CA ASP A 29 -4.24 -8.66 -15.20
CA ASP A 29 -4.29 -8.66 -15.14
C ASP A 29 -3.65 -8.85 -13.79
N ILE A 30 -4.53 -8.81 -12.75
CA ILE A 30 -4.06 -8.83 -11.37
C ILE A 30 -4.73 -9.98 -10.63
N VAL A 31 -3.95 -10.67 -9.80
CA VAL A 31 -4.49 -11.57 -8.75
C VAL A 31 -3.86 -11.23 -7.40
N ILE A 32 -4.72 -10.99 -6.40
CA ILE A 32 -4.32 -10.70 -5.01
C ILE A 32 -4.88 -11.80 -4.14
N GLU A 33 -4.03 -12.37 -3.31
CA GLU A 33 -4.54 -13.16 -2.16
C GLU A 33 -4.03 -12.59 -0.87
N LEU A 34 -4.97 -12.22 -0.03
CA LEU A 34 -4.65 -11.52 1.15
C LEU A 34 -5.25 -12.25 2.39
N ASP A 35 -4.44 -12.30 3.45
CA ASP A 35 -4.90 -12.72 4.80
C ASP A 35 -4.48 -11.65 5.83
N LEU A 36 -5.45 -11.05 6.51
CA LEU A 36 -5.14 -10.01 7.49
C LEU A 36 -4.40 -10.55 8.69
N ASP A 37 -4.63 -11.84 9.01
CA ASP A 37 -4.06 -12.42 10.23
C ASP A 37 -2.89 -13.26 9.90
N GLY A 38 -1.94 -12.73 9.16
CA GLY A 38 -0.84 -13.48 8.62
C GLY A 38 0.37 -13.30 9.53
N THR A 39 1.51 -13.75 9.03
CA THR A 39 2.77 -13.55 9.69
C THR A 39 3.82 -12.94 8.74
N GLY A 40 3.41 -12.14 7.75
CA GLY A 40 4.43 -11.57 6.83
C GLY A 40 4.87 -12.49 5.72
N GLN A 41 4.10 -13.52 5.38
CA GLN A 41 4.44 -14.41 4.21
C GLN A 41 4.02 -13.67 2.93
N VAL A 42 5.01 -13.10 2.24
CA VAL A 42 4.67 -12.14 1.20
C VAL A 42 5.38 -12.51 -0.08
N ALA A 43 4.67 -12.61 -1.19
CA ALA A 43 5.31 -12.77 -2.52
C ALA A 43 4.68 -11.79 -3.52
N VAL A 44 5.46 -10.87 -4.08
CA VAL A 44 4.90 -9.84 -4.98
C VAL A 44 5.64 -9.85 -6.32
N ASP A 45 4.89 -9.89 -7.43
CA ASP A 45 5.53 -9.84 -8.73
C ASP A 45 4.60 -9.06 -9.68
N THR A 46 4.96 -7.81 -9.99
CA THR A 46 4.11 -6.93 -10.81
C THR A 46 4.78 -6.52 -12.14
N GLY A 47 6.06 -6.89 -12.33
CA GLY A 47 6.85 -6.45 -13.47
C GLY A 47 7.51 -5.10 -13.21
N VAL A 48 7.27 -4.53 -12.02
CA VAL A 48 7.82 -3.18 -11.66
C VAL A 48 8.61 -3.39 -10.36
N PRO A 49 9.93 -3.68 -10.44
CA PRO A 49 10.58 -4.26 -9.25
C PRO A 49 10.64 -3.32 -8.03
N PHE A 50 10.73 -2.00 -8.23
CA PHE A 50 10.67 -1.13 -7.05
C PHE A 50 9.28 -1.15 -6.42
N TYR A 51 8.23 -1.23 -7.23
CA TYR A 51 6.90 -1.38 -6.64
C TYR A 51 6.76 -2.73 -5.93
N ASP A 52 7.36 -3.78 -6.52
CA ASP A 52 7.30 -5.09 -5.80
C ASP A 52 7.94 -4.93 -4.41
N HIS A 53 9.08 -4.22 -4.36
CA HIS A 53 9.75 -3.98 -3.13
C HIS A 53 8.84 -3.22 -2.13
N MET A 54 8.09 -2.23 -2.63
CA MET A 54 7.24 -1.44 -1.69
C MET A 54 6.07 -2.26 -1.19
N LEU A 55 5.42 -3.03 -2.09
CA LEU A 55 4.31 -3.86 -1.66
C LEU A 55 4.78 -5.03 -0.77
N THR A 56 5.99 -5.50 -0.95
CA THR A 56 6.56 -6.52 -0.06
C THR A 56 6.78 -5.90 1.31
N ALA A 57 7.30 -4.67 1.37
CA ALA A 57 7.37 -3.96 2.65
C ALA A 57 6.03 -3.79 3.27
N LEU A 58 5.04 -3.39 2.47
CA LEU A 58 3.72 -3.19 3.00
CA LEU A 58 3.68 -3.20 2.96
C LEU A 58 3.15 -4.50 3.59
N GLY A 59 3.21 -5.60 2.84
CA GLY A 59 2.68 -6.89 3.33
C GLY A 59 3.42 -7.34 4.59
N SER A 60 4.75 -7.24 4.59
CA SER A 60 5.53 -7.71 5.72
CA SER A 60 5.52 -7.73 5.73
CA SER A 60 5.51 -7.72 5.74
C SER A 60 5.27 -6.89 6.99
N HIS A 61 5.35 -5.56 6.86
CA HIS A 61 5.17 -4.69 8.06
C HIS A 61 3.76 -4.64 8.56
N ALA A 62 2.80 -5.03 7.73
CA ALA A 62 1.41 -5.13 8.17
C ALA A 62 1.11 -6.49 8.83
N SER A 63 2.08 -7.39 8.77
CA SER A 63 1.93 -8.80 9.22
CA SER A 63 1.90 -8.78 9.24
C SER A 63 0.78 -9.46 8.47
N PHE A 64 0.61 -9.10 7.20
CA PHE A 64 -0.37 -9.79 6.34
C PHE A 64 0.35 -11.01 5.78
N ASP A 65 -0.41 -12.04 5.31
CA ASP A 65 0.10 -12.90 4.25
C ASP A 65 -0.48 -12.34 2.95
N LEU A 66 0.40 -12.20 1.95
CA LEU A 66 0.00 -11.47 0.74
C LEU A 66 0.71 -12.01 -0.50
N THR A 67 -0.06 -12.46 -1.48
CA THR A 67 0.52 -12.81 -2.78
CA THR A 67 0.58 -12.71 -2.77
C THR A 67 -0.08 -11.79 -3.78
N VAL A 68 0.76 -11.20 -4.63
CA VAL A 68 0.26 -10.32 -5.70
C VAL A 68 0.95 -10.78 -6.96
N ARG A 69 0.17 -11.05 -8.01
CA ARG A 69 0.78 -11.33 -9.27
C ARG A 69 0.04 -10.43 -10.28
N ALA A 70 0.79 -9.57 -10.97
CA ALA A 70 0.25 -8.60 -11.89
C ALA A 70 1.09 -8.58 -13.14
N THR A 71 0.41 -8.51 -14.30
CA THR A 71 1.07 -8.35 -15.58
CA THR A 71 1.10 -8.27 -15.56
C THR A 71 0.32 -7.20 -16.28
N GLY A 72 1.04 -6.25 -16.87
CA GLY A 72 0.35 -5.11 -17.46
C GLY A 72 1.21 -4.43 -18.49
N ASP A 73 0.75 -3.29 -18.94
CA ASP A 73 1.29 -2.68 -20.11
C ASP A 73 2.52 -1.82 -19.83
N VAL A 74 3.59 -2.44 -19.30
CA VAL A 74 4.73 -1.64 -18.81
C VAL A 74 5.53 -1.07 -20.00
N GLU A 75 5.21 -1.47 -21.25
CA GLU A 75 5.84 -0.80 -22.40
C GLU A 75 5.43 0.69 -22.45
N ILE A 76 4.22 0.99 -21.96
CA ILE A 76 3.72 2.40 -21.85
C ILE A 76 4.51 3.07 -20.68
N GLU A 77 4.39 2.47 -19.47
CA GLU A 77 5.14 2.78 -18.27
C GLU A 77 4.42 2.01 -17.16
N ALA A 78 4.86 2.20 -15.94
CA ALA A 78 4.33 1.40 -14.84
C ALA A 78 2.94 1.82 -14.34
N HIS A 79 2.54 3.06 -14.64
CA HIS A 79 1.33 3.65 -13.98
C HIS A 79 0.15 2.69 -14.03
N HIS A 80 -0.25 2.21 -15.22
CA HIS A 80 -1.55 1.42 -15.19
C HIS A 80 -1.42 0.17 -14.28
N THR A 81 -0.31 -0.57 -14.40
CA THR A 81 -0.13 -1.79 -13.56
C THR A 81 -0.11 -1.38 -12.07
N ILE A 82 0.60 -0.29 -11.76
CA ILE A 82 0.73 0.13 -10.34
C ILE A 82 -0.67 0.47 -9.77
N GLU A 83 -1.41 1.30 -10.53
CA GLU A 83 -2.74 1.76 -10.05
C GLU A 83 -3.72 0.58 -9.95
N ASP A 84 -3.77 -0.26 -11.00
CA ASP A 84 -4.69 -1.40 -11.00
C ASP A 84 -4.41 -2.35 -9.89
N THR A 85 -3.14 -2.51 -9.60
CA THR A 85 -2.76 -3.42 -8.48
C THR A 85 -3.23 -2.80 -7.15
N ALA A 86 -3.05 -1.53 -6.98
CA ALA A 86 -3.46 -0.86 -5.71
C ALA A 86 -5.00 -0.86 -5.59
N ILE A 87 -5.69 -0.68 -6.72
CA ILE A 87 -7.16 -0.80 -6.71
C ILE A 87 -7.57 -2.22 -6.21
N ALA A 88 -6.96 -3.26 -6.83
CA ALA A 88 -7.32 -4.62 -6.48
C ALA A 88 -6.95 -4.92 -5.02
N LEU A 89 -5.79 -4.43 -4.59
CA LEU A 89 -5.32 -4.68 -3.19
C LEU A 89 -6.28 -3.98 -2.23
N GLY A 90 -6.65 -2.74 -2.55
CA GLY A 90 -7.65 -2.04 -1.75
C GLY A 90 -8.93 -2.86 -1.67
N THR A 91 -9.44 -3.34 -2.81
CA THR A 91 -10.69 -4.14 -2.78
C THR A 91 -10.53 -5.36 -1.90
N ALA A 92 -9.37 -6.02 -2.00
CA ALA A 92 -9.07 -7.23 -1.18
C ALA A 92 -9.06 -6.90 0.32
N LEU A 93 -8.44 -5.77 0.67
CA LEU A 93 -8.48 -5.33 2.09
C LEU A 93 -9.92 -5.10 2.57
N GLY A 94 -10.73 -4.40 1.77
CA GLY A 94 -12.08 -4.03 2.23
C GLY A 94 -12.91 -5.33 2.33
N GLN A 95 -12.70 -6.25 1.41
CA GLN A 95 -13.40 -7.53 1.46
C GLN A 95 -12.95 -8.42 2.66
N ALA A 96 -11.66 -8.54 2.91
CA ALA A 96 -11.12 -9.30 4.06
C ALA A 96 -11.58 -8.71 5.44
N LEU A 97 -11.74 -7.39 5.54
CA LEU A 97 -12.16 -6.75 6.81
C LEU A 97 -13.62 -7.10 7.14
N GLY A 98 -14.45 -7.34 6.09
CA GLY A 98 -15.86 -7.83 6.28
C GLY A 98 -16.61 -6.78 7.08
N ASP A 99 -17.30 -7.20 8.15
CA ASP A 99 -18.18 -6.28 8.89
C ASP A 99 -17.39 -5.41 9.92
N LYS A 100 -16.08 -5.68 10.05
CA LYS A 100 -15.15 -4.94 10.92
C LYS A 100 -15.53 -5.05 12.41
N ARG A 101 -16.27 -6.10 12.80
CA ARG A 101 -16.75 -6.17 14.20
C ARG A 101 -15.58 -6.44 15.15
N GLY A 102 -15.50 -5.72 16.26
CA GLY A 102 -14.53 -6.13 17.26
C GLY A 102 -13.08 -5.68 17.03
N ILE A 103 -12.84 -4.87 16.00
CA ILE A 103 -11.40 -4.49 15.74
C ILE A 103 -11.07 -3.11 16.29
N ARG A 104 -9.79 -2.80 16.30
CA ARG A 104 -9.30 -1.57 16.90
C ARG A 104 -9.80 -0.36 16.09
N ARG A 105 -9.82 -0.52 14.77
CA ARG A 105 -10.43 0.41 13.82
C ARG A 105 -9.49 1.61 13.49
N PHE A 106 -8.88 2.13 14.53
CA PHE A 106 -7.89 3.25 14.38
C PHE A 106 -6.51 2.68 14.53
N GLY A 107 -5.55 3.20 13.74
CA GLY A 107 -4.16 2.75 13.87
C GLY A 107 -3.25 3.86 13.31
N ASP A 108 -2.04 3.96 13.83
CA ASP A 108 -1.11 4.93 13.31
C ASP A 108 0.26 4.42 13.52
N ALA A 109 1.27 4.95 12.77
CA ALA A 109 2.65 4.50 13.00
C ALA A 109 3.61 5.55 12.46
N PHE A 110 4.65 5.81 13.27
CA PHE A 110 5.76 6.60 12.76
C PHE A 110 6.84 5.69 12.23
N ILE A 111 7.46 6.08 11.11
CA ILE A 111 8.57 5.29 10.59
C ILE A 111 9.76 6.19 10.28
N PRO A 112 10.80 6.14 11.10
CA PRO A 112 12.07 6.78 10.78
C PRO A 112 12.75 5.90 9.76
N MET A 113 13.38 6.49 8.75
CA MET A 113 14.20 5.66 7.85
C MET A 113 15.41 6.53 7.55
N ASP A 114 16.52 6.32 8.29
CA ASP A 114 17.67 7.28 8.22
C ASP A 114 17.20 8.74 8.42
N GLU A 115 17.44 9.64 7.45
CA GLU A 115 17.06 11.06 7.62
C GLU A 115 15.53 11.30 7.52
N THR A 116 14.78 10.36 6.98
CA THR A 116 13.34 10.55 6.77
C THR A 116 12.52 10.17 8.01
N LEU A 117 11.44 10.90 8.24
CA LEU A 117 10.45 10.49 9.18
C LEU A 117 9.07 10.59 8.49
N ALA A 118 8.36 9.45 8.43
CA ALA A 118 7.04 9.46 7.83
C ALA A 118 6.02 8.97 8.88
N HIS A 119 4.74 9.19 8.60
CA HIS A 119 3.68 8.79 9.55
C HIS A 119 2.46 8.44 8.77
N ALA A 120 1.66 7.50 9.26
CA ALA A 120 0.35 7.25 8.65
C ALA A 120 -0.62 7.01 9.82
N ALA A 121 -1.85 7.45 9.56
CA ALA A 121 -2.99 7.21 10.45
C ALA A 121 -4.14 6.73 9.62
N VAL A 122 -4.89 5.79 10.21
CA VAL A 122 -6.00 5.18 9.50
CA VAL A 122 -5.98 5.14 9.52
C VAL A 122 -7.23 5.14 10.39
N ASP A 123 -8.38 5.28 9.74
CA ASP A 123 -9.68 5.01 10.36
C ASP A 123 -10.38 4.05 9.41
N LEU A 124 -10.57 2.84 9.86
CA LEU A 124 -11.40 1.88 8.99
C LEU A 124 -12.94 2.27 9.08
N SER A 125 -13.35 3.38 8.45
CA SER A 125 -14.63 4.09 8.71
C SER A 125 -15.73 3.59 7.67
N GLY A 126 -15.29 2.93 6.56
CA GLY A 126 -16.20 2.64 5.45
C GLY A 126 -16.45 3.77 4.47
N ARG A 127 -15.76 4.92 4.65
CA ARG A 127 -15.87 6.08 3.77
C ARG A 127 -14.48 6.34 3.24
N PRO A 128 -14.30 6.28 1.91
CA PRO A 128 -13.00 6.44 1.43
C PRO A 128 -12.53 7.89 1.65
N TYR A 129 -11.26 8.04 2.07
CA TYR A 129 -10.69 9.39 2.11
C TYR A 129 -9.16 9.20 2.16
N CYS A 130 -8.46 10.04 1.43
CA CYS A 130 -6.99 10.03 1.56
C CYS A 130 -6.46 11.41 1.61
N VAL A 131 -5.54 11.72 2.57
CA VAL A 131 -4.88 13.02 2.57
C VAL A 131 -3.40 12.66 2.65
N HIS A 132 -2.66 13.16 1.69
CA HIS A 132 -1.23 12.86 1.60
C HIS A 132 -0.48 14.14 1.67
N THR A 133 0.37 14.40 2.68
CA THR A 133 0.96 15.74 2.77
C THR A 133 2.45 15.58 3.13
N GLY A 134 3.20 16.65 2.86
CA GLY A 134 4.61 16.77 3.27
C GLY A 134 5.66 16.23 2.32
N GLU A 135 5.27 15.47 1.28
CA GLU A 135 6.31 14.90 0.43
C GLU A 135 7.03 16.02 -0.30
N PRO A 136 8.39 16.09 -0.28
CA PRO A 136 9.15 17.15 -0.93
C PRO A 136 8.73 17.27 -2.39
N ASP A 137 8.76 18.47 -2.94
CA ASP A 137 8.29 18.68 -4.30
C ASP A 137 9.09 17.95 -5.36
N HIS A 138 10.36 17.64 -5.12
CA HIS A 138 11.14 16.93 -6.15
C HIS A 138 10.56 15.51 -6.42
N LEU A 139 9.74 15.00 -5.49
CA LEU A 139 9.13 13.65 -5.68
C LEU A 139 8.03 13.67 -6.77
N GLN A 140 7.59 14.86 -7.22
CA GLN A 140 6.59 14.87 -8.27
CA GLN A 140 6.62 15.03 -8.30
C GLN A 140 7.22 14.67 -9.63
N HIS A 141 8.57 14.61 -9.69
CA HIS A 141 9.21 14.31 -10.98
C HIS A 141 10.48 13.46 -10.84
N THR A 142 10.60 12.71 -9.75
CA THR A 142 11.67 11.81 -9.51
C THR A 142 11.39 10.43 -10.10
N THR A 143 12.46 9.84 -10.64
CA THR A 143 12.33 8.43 -11.14
C THR A 143 13.31 7.58 -10.34
N ILE A 144 12.85 6.42 -9.94
CA ILE A 144 13.74 5.46 -9.29
C ILE A 144 13.94 4.35 -10.37
N ALA A 145 15.16 4.22 -10.89
CA ALA A 145 15.38 3.44 -12.13
C ALA A 145 16.49 2.39 -11.81
N GLY A 146 16.31 1.19 -12.31
CA GLY A 146 17.28 0.11 -12.18
C GLY A 146 17.39 -0.54 -13.55
N SER A 147 17.55 -1.85 -13.58
CA SER A 147 17.78 -2.45 -14.87
C SER A 147 16.47 -2.91 -15.50
N SER A 148 15.30 -2.61 -14.88
CA SER A 148 14.01 -3.11 -15.38
C SER A 148 13.09 -1.88 -15.58
N VAL A 149 11.77 -2.05 -15.36
CA VAL A 149 10.82 -0.95 -15.62
C VAL A 149 10.98 0.03 -14.40
N PRO A 150 11.08 1.35 -14.67
CA PRO A 150 11.34 2.28 -13.53
C PRO A 150 10.04 2.63 -12.77
N TYR A 151 10.19 3.37 -11.66
CA TYR A 151 9.06 3.74 -10.82
C TYR A 151 9.15 5.28 -10.66
N HIS A 152 8.10 5.96 -11.10
CA HIS A 152 7.98 7.44 -10.95
C HIS A 152 7.32 7.74 -9.61
N THR A 153 8.04 8.41 -8.71
CA THR A 153 7.55 8.62 -7.31
C THR A 153 6.33 9.50 -7.26
N VAL A 154 6.05 10.26 -8.34
CA VAL A 154 4.74 10.96 -8.42
C VAL A 154 3.52 10.02 -8.15
N ILE A 155 3.69 8.74 -8.47
CA ILE A 155 2.67 7.74 -8.33
C ILE A 155 2.38 7.38 -6.85
N ASN A 156 3.27 7.74 -5.91
CA ASN A 156 3.00 7.37 -4.49
C ASN A 156 1.62 7.83 -4.05
N ARG A 157 1.35 9.11 -4.26
CA ARG A 157 0.02 9.61 -3.89
C ARG A 157 -1.13 8.76 -4.50
N HIS A 158 -0.98 8.40 -5.79
CA HIS A 158 -2.05 7.66 -6.48
C HIS A 158 -2.26 6.26 -5.87
N VAL A 159 -1.15 5.63 -5.52
CA VAL A 159 -1.23 4.33 -4.81
C VAL A 159 -2.02 4.47 -3.52
N PHE A 160 -1.69 5.45 -2.67
CA PHE A 160 -2.41 5.55 -1.41
C PHE A 160 -3.85 5.90 -1.63
N GLU A 161 -4.14 6.82 -2.57
CA GLU A 161 -5.54 7.19 -2.85
C GLU A 161 -6.34 5.99 -3.36
N SER A 162 -5.72 5.19 -4.23
CA SER A 162 -6.44 4.02 -4.83
C SER A 162 -6.69 2.96 -3.71
N LEU A 163 -5.73 2.78 -2.83
CA LEU A 163 -5.87 1.88 -1.69
CA LEU A 163 -5.92 1.86 -1.72
C LEU A 163 -7.05 2.33 -0.85
N ALA A 164 -7.04 3.61 -0.43
CA ALA A 164 -8.12 4.10 0.49
C ALA A 164 -9.49 4.05 -0.18
N ALA A 165 -9.53 4.44 -1.46
CA ALA A 165 -10.81 4.50 -2.24
C ALA A 165 -11.50 3.14 -2.36
N ASN A 166 -10.71 2.11 -2.54
CA ASN A 166 -11.26 0.75 -2.77
C ASN A 166 -11.37 -0.11 -1.52
N ALA A 167 -10.56 0.18 -0.52
CA ALA A 167 -10.78 -0.49 0.81
C ALA A 167 -11.94 0.23 1.56
N ARG A 168 -12.24 1.48 1.15
CA ARG A 168 -13.28 2.36 1.74
C ARG A 168 -12.83 2.73 3.19
N ILE A 169 -11.63 3.29 3.31
CA ILE A 169 -11.07 3.66 4.65
C ILE A 169 -10.52 5.06 4.54
N ALA A 170 -10.35 5.76 5.68
CA ALA A 170 -9.59 6.99 5.72
C ALA A 170 -8.13 6.69 5.93
N LEU A 171 -7.28 7.24 5.06
CA LEU A 171 -5.86 6.98 5.15
C LEU A 171 -5.14 8.30 5.07
N HIS A 172 -4.39 8.65 6.11
CA HIS A 172 -3.70 9.93 6.04
C HIS A 172 -2.20 9.61 6.12
N VAL A 173 -1.45 10.09 5.12
CA VAL A 173 -0.01 9.72 5.04
C VAL A 173 0.72 11.03 5.07
N ARG A 174 1.74 11.16 5.95
CA ARG A 174 2.49 12.40 6.02
C ARG A 174 4.00 12.10 5.92
N VAL A 175 4.73 12.97 5.25
CA VAL A 175 6.21 12.93 5.34
C VAL A 175 6.52 14.15 6.25
N LEU A 176 7.08 13.90 7.44
CA LEU A 176 7.48 14.98 8.36
CA LEU A 176 7.45 15.00 8.33
CA LEU A 176 7.44 15.03 8.29
C LEU A 176 8.65 15.73 7.76
N TYR A 177 9.59 14.97 7.23
CA TYR A 177 10.80 15.47 6.56
C TYR A 177 11.55 14.32 5.93
N GLY A 178 12.45 14.67 5.01
CA GLY A 178 13.34 13.57 4.47
C GLY A 178 13.97 14.09 3.20
N ARG A 179 14.87 13.31 2.62
CA ARG A 179 15.61 13.82 1.43
C ARG A 179 15.71 12.74 0.38
N ASP A 180 16.13 11.56 0.77
CA ASP A 180 16.33 10.46 -0.26
C ASP A 180 14.97 9.93 -0.73
N PRO A 181 14.70 9.89 -2.05
CA PRO A 181 13.38 9.49 -2.55
C PRO A 181 13.00 8.06 -2.28
N HIS A 182 13.99 7.20 -2.19
CA HIS A 182 13.71 5.75 -1.85
C HIS A 182 13.36 5.70 -0.36
N HIS A 183 14.12 6.38 0.51
CA HIS A 183 13.75 6.41 1.95
C HIS A 183 12.39 7.04 2.13
N ILE A 184 12.16 8.18 1.45
CA ILE A 184 10.86 8.87 1.62
C ILE A 184 9.71 7.96 1.20
N THR A 185 9.84 7.31 0.02
CA THR A 185 8.79 6.36 -0.47
C THR A 185 8.61 5.18 0.47
N GLU A 186 9.71 4.54 0.79
CA GLU A 186 9.64 3.27 1.52
C GLU A 186 9.12 3.52 2.94
N ALA A 187 9.52 4.66 3.53
CA ALA A 187 9.02 4.96 4.94
C ALA A 187 7.52 5.18 4.89
N GLN A 188 6.99 5.78 3.82
CA GLN A 188 5.50 5.90 3.75
C GLN A 188 4.79 4.56 3.59
N TYR A 189 5.31 3.70 2.71
CA TYR A 189 4.62 2.40 2.57
C TYR A 189 4.68 1.61 3.91
N LYS A 190 5.82 1.70 4.59
CA LYS A 190 5.94 1.05 5.89
C LYS A 190 5.00 1.62 6.90
N ALA A 191 4.84 2.96 6.85
CA ALA A 191 3.96 3.57 7.85
C ALA A 191 2.52 3.19 7.63
N VAL A 192 2.08 3.17 6.36
CA VAL A 192 0.72 2.76 6.03
C VAL A 192 0.53 1.30 6.53
N ALA A 193 1.56 0.49 6.30
CA ALA A 193 1.52 -0.94 6.66
C ALA A 193 1.35 -1.06 8.16
N ARG A 194 2.20 -0.40 8.97
CA ARG A 194 2.06 -0.55 10.45
C ARG A 194 0.78 0.05 11.04
N ALA A 195 0.32 1.14 10.42
CA ALA A 195 -1.00 1.75 10.80
C ALA A 195 -2.13 0.75 10.55
N LEU A 196 -2.14 0.16 9.35
CA LEU A 196 -3.16 -0.94 9.07
C LEU A 196 -3.06 -2.10 10.07
N ARG A 197 -1.82 -2.54 10.35
CA ARG A 197 -1.63 -3.67 11.22
C ARG A 197 -2.34 -3.33 12.56
N GLN A 198 -2.08 -2.13 13.08
CA GLN A 198 -2.76 -1.75 14.39
C GLN A 198 -4.25 -1.65 14.23
N ALA A 199 -4.74 -1.08 13.13
CA ALA A 199 -6.15 -0.82 13.07
C ALA A 199 -6.97 -2.13 12.87
N VAL A 200 -6.41 -3.11 12.14
CA VAL A 200 -7.19 -4.35 11.83
C VAL A 200 -7.21 -5.36 12.99
N GLU A 201 -6.33 -5.15 13.97
CA GLU A 201 -6.22 -6.10 15.06
C GLU A 201 -7.51 -6.15 15.92
N PRO A 202 -7.84 -7.33 16.47
CA PRO A 202 -8.99 -7.43 17.38
C PRO A 202 -8.77 -6.49 18.55
N ASP A 203 -9.83 -5.85 18.99
CA ASP A 203 -9.70 -4.94 20.12
C ASP A 203 -10.28 -5.68 21.31
N PRO A 204 -9.44 -5.99 22.31
CA PRO A 204 -9.84 -6.81 23.46
C PRO A 204 -10.96 -6.24 24.36
N ARG A 205 -11.40 -5.01 24.12
CA ARG A 205 -12.42 -4.32 24.92
C ARG A 205 -13.71 -4.02 24.18
N VAL A 206 -13.76 -4.41 22.90
CA VAL A 206 -14.95 -4.27 22.00
C VAL A 206 -15.14 -5.54 21.13
#